data_1IQ0
#
_entry.id   1IQ0
#
_cell.length_a   154.747
_cell.length_b   154.747
_cell.length_c   84.573
_cell.angle_alpha   90.00
_cell.angle_beta   90.00
_cell.angle_gamma   120.00
#
_symmetry.space_group_name_H-M   'P 65'
#
loop_
_entity.id
_entity.type
_entity.pdbx_description
1 polymer 'ARGINYL-TRNA SYNTHETASE'
2 water water
#
_entity_poly.entity_id   1
_entity_poly.type   'polypeptide(L)'
_entity_poly.pdbx_seq_one_letter_code
;MLRRALEEAIAQALKEMGVPVRLKVARAPKDKPGDYGVPLFALAKELRKPPQAIAQELKDRLPLPEFVEEAVPVGGYLNF
RLRTEALLREALRPKAPFPRRPGVVLVEHTSVNPNKELHVGHLRNIALGDAIARILAYAGREVLVLNYIDDTGRQAAETL
FALRHYGLTWDGKEKYDHFAGRAYVRLHQDPEYERLQPAIEEVLHALERGELREEVNRILLAQMATMHALNARYDLLVWE
SDIVRAGLLQKALALLEQSPHVFRPREGKYAGALVMDASPVIPGLEDPFFVLLRSNGTATYYAKDIAFQFWKMGILEGLR
FRPYENPYYPGLRTSAPEGEAYTPKAEETINVVDVRQSHPQALVRAALALAGYPALAEKAHHLAYETVLLEGRQMSGRKG
LAVSVDEVLEEATRRARAIVEEKNPDHPDKEEAARMVALGAIRFSMVKTEPKKQIDFRYQEALSFEGDTGPYVQYAHARA
HSILRKAGEWGAPDLSQATPYERALALDLLDFEEAVLEAAEERTPHVLAQYLLDLAASWNAYYNARENGQPATPVLTAPE
GLRELRLSLVQSLQRTLATGLDLLGIPAPEVM
;
_entity_poly.pdbx_strand_id   A
#
# COMPACT_ATOMS: atom_id res chain seq x y z
N MET A 1 22.95 -4.58 5.63
CA MET A 1 22.55 -4.96 4.25
C MET A 1 23.78 -5.03 3.35
N LEU A 2 23.58 -4.87 2.04
CA LEU A 2 24.67 -4.93 1.09
C LEU A 2 24.66 -3.72 0.16
N ARG A 3 23.58 -3.57 -0.60
CA ARG A 3 23.47 -2.44 -1.52
C ARG A 3 23.49 -1.09 -0.81
N ARG A 4 22.76 -0.98 0.29
CA ARG A 4 22.72 0.26 1.05
C ARG A 4 24.07 0.52 1.71
N ALA A 5 24.71 -0.55 2.17
CA ALA A 5 26.01 -0.42 2.81
C ALA A 5 26.99 0.14 1.78
N LEU A 6 26.78 -0.23 0.52
CA LEU A 6 27.64 0.24 -0.55
C LEU A 6 27.37 1.72 -0.85
N GLU A 7 26.10 2.11 -0.82
CA GLU A 7 25.75 3.50 -1.07
C GLU A 7 26.26 4.36 0.08
N GLU A 8 26.22 3.82 1.29
CA GLU A 8 26.69 4.56 2.46
C GLU A 8 28.19 4.84 2.32
N ALA A 9 28.95 3.81 1.95
CA ALA A 9 30.38 3.95 1.79
C ALA A 9 30.71 4.95 0.68
N ILE A 10 29.87 5.00 -0.34
CA ILE A 10 30.07 5.91 -1.46
C ILE A 10 29.76 7.34 -1.03
N ALA A 11 28.67 7.52 -0.31
CA ALA A 11 28.26 8.84 0.17
C ALA A 11 29.39 9.44 1.01
N GLN A 12 29.79 8.69 2.04
CA GLN A 12 30.84 9.12 2.94
C GLN A 12 32.08 9.53 2.14
N ALA A 13 32.33 8.82 1.05
CA ALA A 13 33.48 9.10 0.18
C ALA A 13 33.27 10.36 -0.64
N LEU A 14 32.02 10.66 -0.98
CA LEU A 14 31.69 11.84 -1.76
C LEU A 14 31.83 13.12 -0.94
N LYS A 15 31.61 12.99 0.37
CA LYS A 15 31.72 14.14 1.27
C LYS A 15 33.18 14.51 1.45
N GLU A 16 34.06 13.51 1.49
CA GLU A 16 35.49 13.73 1.66
C GLU A 16 36.14 14.32 0.41
N MET A 17 35.34 14.57 -0.62
CA MET A 17 35.84 15.15 -1.86
C MET A 17 35.24 16.53 -2.06
N GLY A 18 34.12 16.78 -1.38
CA GLY A 18 33.46 18.05 -1.49
C GLY A 18 31.95 17.91 -1.59
N VAL A 19 31.48 17.40 -2.72
CA VAL A 19 30.06 17.21 -2.98
C VAL A 19 29.32 16.34 -1.96
N PRO A 20 28.43 16.95 -1.17
CA PRO A 20 27.65 16.24 -0.14
C PRO A 20 26.35 15.66 -0.71
N VAL A 21 26.44 14.94 -1.82
CA VAL A 21 25.25 14.34 -2.42
C VAL A 21 25.27 12.82 -2.30
N ARG A 22 24.09 12.22 -2.24
CA ARG A 22 23.97 10.77 -2.13
C ARG A 22 23.55 10.15 -3.47
N LEU A 23 24.28 9.13 -3.91
CA LEU A 23 23.99 8.46 -5.16
C LEU A 23 23.39 7.07 -4.94
N LYS A 24 22.48 6.67 -5.83
CA LYS A 24 21.85 5.37 -5.73
C LYS A 24 22.58 4.35 -6.60
N VAL A 25 22.79 3.16 -6.04
CA VAL A 25 23.44 2.09 -6.76
C VAL A 25 22.32 1.26 -7.39
N ALA A 26 22.61 0.61 -8.51
CA ALA A 26 21.61 -0.20 -9.20
C ALA A 26 22.32 -1.37 -9.87
N ARG A 27 21.55 -2.41 -10.22
CA ARG A 27 22.12 -3.58 -10.87
C ARG A 27 22.82 -3.18 -12.16
N ALA A 28 24.05 -3.66 -12.33
CA ALA A 28 24.84 -3.35 -13.52
C ALA A 28 24.31 -4.10 -14.74
N PRO A 29 24.62 -3.59 -15.94
CA PRO A 29 24.18 -4.19 -17.21
C PRO A 29 24.29 -5.71 -17.24
N LYS A 30 23.46 -6.34 -18.07
CA LYS A 30 23.44 -7.79 -18.20
C LYS A 30 24.77 -8.35 -18.65
N ASP A 31 25.48 -8.99 -17.73
CA ASP A 31 26.78 -9.60 -18.01
C ASP A 31 27.80 -8.57 -18.49
N LYS A 32 28.04 -7.56 -17.66
CA LYS A 32 29.00 -6.51 -17.96
C LYS A 32 29.97 -6.37 -16.79
N PRO A 33 30.86 -5.36 -16.84
CA PRO A 33 31.82 -5.17 -15.74
C PRO A 33 31.22 -4.97 -14.35
N GLY A 34 30.85 -6.05 -13.68
CA GLY A 34 30.31 -5.93 -12.34
C GLY A 34 28.87 -6.31 -12.07
N ASP A 35 28.49 -6.21 -10.80
CA ASP A 35 27.15 -6.54 -10.36
C ASP A 35 26.32 -5.31 -10.08
N TYR A 36 26.97 -4.30 -9.51
CA TYR A 36 26.32 -3.04 -9.16
C TYR A 36 27.10 -1.84 -9.70
N GLY A 37 26.37 -0.77 -10.01
CA GLY A 37 27.01 0.42 -10.52
C GLY A 37 26.31 1.68 -10.09
N VAL A 38 27.03 2.78 -10.12
CA VAL A 38 26.48 4.06 -9.76
C VAL A 38 26.76 5.04 -10.90
N PRO A 39 25.74 5.82 -11.29
CA PRO A 39 25.89 6.79 -12.39
C PRO A 39 26.50 8.10 -11.88
N LEU A 40 27.38 8.70 -12.66
CA LEU A 40 27.98 9.97 -12.27
C LEU A 40 27.72 11.02 -13.34
N PHE A 41 26.49 11.04 -13.84
CA PHE A 41 26.09 11.98 -14.88
C PHE A 41 25.41 13.20 -14.26
N ALA A 42 24.65 12.97 -13.19
CA ALA A 42 23.96 14.05 -12.51
C ALA A 42 25.00 15.01 -11.94
N LEU A 43 26.15 14.46 -11.55
CA LEU A 43 27.24 15.26 -11.01
C LEU A 43 28.19 15.67 -12.12
N ALA A 44 28.12 14.95 -13.23
CA ALA A 44 28.96 15.22 -14.39
C ALA A 44 28.75 16.63 -14.90
N LYS A 45 27.50 17.09 -14.87
CA LYS A 45 27.17 18.43 -15.33
C LYS A 45 27.07 19.42 -14.17
N GLU A 46 26.77 18.92 -12.97
CA GLU A 46 26.66 19.77 -11.80
C GLU A 46 28.03 20.25 -11.34
N LEU A 47 29.08 19.66 -11.92
CA LEU A 47 30.45 20.03 -11.58
C LEU A 47 31.23 20.38 -12.84
N ARG A 48 30.56 20.30 -13.99
CA ARG A 48 31.16 20.62 -15.26
C ARG A 48 32.48 19.86 -15.46
N LYS A 49 32.40 18.54 -15.35
CA LYS A 49 33.57 17.68 -15.52
C LYS A 49 33.20 16.37 -16.19
N PRO A 50 34.18 15.69 -16.80
CA PRO A 50 33.95 14.40 -17.48
C PRO A 50 33.47 13.32 -16.51
N PRO A 51 32.32 12.70 -16.80
CA PRO A 51 31.78 11.65 -15.93
C PRO A 51 32.84 10.60 -15.59
N GLN A 52 33.57 10.15 -16.61
CA GLN A 52 34.61 9.14 -16.46
C GLN A 52 35.69 9.59 -15.47
N ALA A 53 35.87 10.90 -15.35
CA ALA A 53 36.86 11.47 -14.44
C ALA A 53 36.37 11.41 -13.00
N ILE A 54 35.08 11.66 -12.82
CA ILE A 54 34.49 11.63 -11.49
C ILE A 54 34.47 10.20 -10.97
N ALA A 55 34.23 9.25 -11.87
CA ALA A 55 34.20 7.85 -11.50
C ALA A 55 35.58 7.39 -11.02
N GLN A 56 36.63 7.73 -11.79
CA GLN A 56 37.98 7.36 -11.42
C GLN A 56 38.36 8.04 -10.12
N GLU A 57 37.88 9.28 -9.95
CA GLU A 57 38.12 10.07 -8.75
C GLU A 57 37.52 9.36 -7.55
N LEU A 58 36.25 9.00 -7.67
CA LEU A 58 35.54 8.31 -6.61
C LEU A 58 36.24 7.01 -6.25
N LYS A 59 36.70 6.30 -7.27
CA LYS A 59 37.39 5.04 -7.08
C LYS A 59 38.66 5.26 -6.23
N ASP A 60 39.33 6.37 -6.48
CA ASP A 60 40.57 6.69 -5.77
C ASP A 60 40.41 6.97 -4.28
N ARG A 61 39.28 7.57 -3.89
CA ARG A 61 39.05 7.87 -2.48
C ARG A 61 37.99 7.00 -1.84
N LEU A 62 37.72 5.84 -2.43
CA LEU A 62 36.71 4.94 -1.88
C LEU A 62 37.25 3.69 -1.23
N PRO A 63 37.18 3.61 0.11
CA PRO A 63 37.68 2.43 0.81
C PRO A 63 36.67 1.30 0.55
N LEU A 64 37.10 0.30 -0.20
CA LEU A 64 36.23 -0.82 -0.55
C LEU A 64 35.70 -1.66 0.61
N PRO A 65 34.37 -1.86 0.65
CA PRO A 65 33.81 -2.67 1.72
C PRO A 65 34.41 -4.06 1.49
N GLU A 66 34.54 -4.87 2.54
CA GLU A 66 35.14 -6.20 2.39
C GLU A 66 34.42 -7.13 1.40
N PHE A 67 33.18 -6.81 1.07
CA PHE A 67 32.42 -7.66 0.15
C PHE A 67 32.61 -7.28 -1.31
N VAL A 68 33.34 -6.21 -1.57
CA VAL A 68 33.58 -5.77 -2.95
C VAL A 68 34.93 -6.27 -3.45
N GLU A 69 34.90 -7.00 -4.56
CA GLU A 69 36.10 -7.57 -5.16
C GLU A 69 36.92 -6.49 -5.87
N GLU A 70 36.26 -5.69 -6.69
CA GLU A 70 36.94 -4.65 -7.44
C GLU A 70 35.96 -3.59 -7.95
N ALA A 71 36.44 -2.35 -8.01
CA ALA A 71 35.64 -1.21 -8.49
C ALA A 71 36.21 -0.84 -9.85
N VAL A 72 35.35 -0.69 -10.85
CA VAL A 72 35.80 -0.38 -12.19
C VAL A 72 35.06 0.80 -12.82
N PRO A 73 35.79 1.88 -13.14
CA PRO A 73 35.16 3.05 -13.76
C PRO A 73 34.79 2.67 -15.19
N VAL A 74 33.50 2.67 -15.51
CA VAL A 74 33.06 2.30 -16.85
C VAL A 74 32.22 3.37 -17.52
N GLY A 75 32.85 4.14 -18.41
CA GLY A 75 32.17 5.19 -19.14
C GLY A 75 31.02 5.90 -18.42
N GLY A 76 31.36 6.72 -17.43
CA GLY A 76 30.33 7.45 -16.72
C GLY A 76 29.90 6.82 -15.40
N TYR A 77 29.85 5.50 -15.36
CA TYR A 77 29.47 4.78 -14.16
C TYR A 77 30.69 4.25 -13.44
N LEU A 78 30.51 3.90 -12.18
CA LEU A 78 31.56 3.27 -11.39
C LEU A 78 30.89 1.95 -10.99
N ASN A 79 31.34 0.86 -11.61
CA ASN A 79 30.77 -0.45 -11.31
C ASN A 79 31.53 -1.22 -10.25
N PHE A 80 30.82 -2.12 -9.58
CA PHE A 80 31.43 -2.93 -8.54
C PHE A 80 31.18 -4.41 -8.74
N ARG A 81 32.27 -5.19 -8.71
CA ARG A 81 32.16 -6.62 -8.85
C ARG A 81 32.29 -7.14 -7.42
N LEU A 82 31.30 -7.91 -6.98
CA LEU A 82 31.29 -8.44 -5.62
C LEU A 82 32.09 -9.72 -5.47
N ARG A 83 32.57 -9.98 -4.26
CA ARG A 83 33.29 -11.22 -4.02
C ARG A 83 32.18 -12.27 -3.96
N THR A 84 32.29 -13.29 -4.79
CA THR A 84 31.28 -14.33 -4.83
C THR A 84 30.91 -14.89 -3.45
N GLU A 85 31.90 -15.20 -2.64
CA GLU A 85 31.66 -15.73 -1.29
C GLU A 85 30.81 -14.78 -0.45
N ALA A 86 31.21 -13.51 -0.40
CA ALA A 86 30.49 -12.51 0.38
C ALA A 86 29.07 -12.37 -0.16
N LEU A 87 28.95 -12.39 -1.48
CA LEU A 87 27.65 -12.27 -2.15
C LEU A 87 26.73 -13.42 -1.67
N LEU A 88 27.23 -14.65 -1.74
CA LEU A 88 26.46 -15.81 -1.32
C LEU A 88 26.10 -15.73 0.16
N ARG A 89 27.08 -15.36 0.98
CA ARG A 89 26.89 -15.25 2.42
C ARG A 89 25.74 -14.29 2.73
N GLU A 90 25.76 -13.12 2.08
CA GLU A 90 24.72 -12.12 2.27
C GLU A 90 23.36 -12.61 1.75
N ALA A 91 23.37 -13.41 0.69
CA ALA A 91 22.11 -13.92 0.14
C ALA A 91 21.48 -14.94 1.07
N LEU A 92 22.33 -15.69 1.77
CA LEU A 92 21.82 -16.71 2.69
C LEU A 92 21.33 -16.15 4.03
N ARG A 93 21.90 -15.03 4.46
CA ARG A 93 21.51 -14.40 5.72
C ARG A 93 20.00 -14.18 5.79
N PRO A 94 19.38 -14.50 6.94
CA PRO A 94 17.94 -14.33 7.11
C PRO A 94 17.51 -12.85 7.10
N LYS A 95 16.46 -12.54 6.34
CA LYS A 95 15.96 -11.17 6.25
C LYS A 95 14.73 -10.95 7.12
N ALA A 96 14.80 -9.96 8.00
CA ALA A 96 13.70 -9.64 8.90
C ALA A 96 13.43 -8.14 8.91
N PRO A 97 12.30 -7.73 9.53
CA PRO A 97 11.95 -6.30 9.60
C PRO A 97 13.12 -5.47 10.13
N PHE A 98 13.25 -4.25 9.62
CA PHE A 98 14.31 -3.35 10.01
C PHE A 98 14.07 -2.75 11.40
N PRO A 99 15.10 -2.10 11.97
CA PRO A 99 14.97 -1.48 13.30
C PRO A 99 13.79 -0.52 13.37
N ARG A 100 13.07 -0.54 14.49
CA ARG A 100 11.93 0.33 14.65
C ARG A 100 12.36 1.78 14.86
N ARG A 101 11.70 2.68 14.14
CA ARG A 101 11.95 4.11 14.24
C ARG A 101 10.66 4.73 14.80
N PRO A 102 10.76 5.49 15.90
CA PRO A 102 9.57 6.11 16.48
C PRO A 102 8.93 7.15 15.57
N GLY A 103 7.66 7.46 15.83
CA GLY A 103 6.97 8.44 15.00
C GLY A 103 5.87 7.79 14.18
N VAL A 104 4.62 8.02 14.56
CA VAL A 104 3.50 7.44 13.87
C VAL A 104 3.30 7.90 12.42
N VAL A 105 3.05 6.93 11.56
CA VAL A 105 2.76 7.18 10.15
C VAL A 105 1.31 6.68 10.10
N LEU A 106 0.37 7.59 9.91
CA LEU A 106 -1.04 7.24 9.89
C LEU A 106 -1.55 7.03 8.47
N VAL A 107 -1.93 5.79 8.17
CA VAL A 107 -2.44 5.47 6.85
C VAL A 107 -3.96 5.36 6.86
N GLU A 108 -4.62 6.15 6.03
CA GLU A 108 -6.07 6.07 5.94
C GLU A 108 -6.46 5.47 4.59
N HIS A 109 -7.26 4.42 4.63
CA HIS A 109 -7.69 3.79 3.40
C HIS A 109 -9.05 3.14 3.62
N THR A 110 -9.68 2.69 2.53
CA THR A 110 -11.00 2.08 2.54
C THR A 110 -11.96 3.27 2.71
N SER A 111 -12.42 3.54 3.92
CA SER A 111 -13.29 4.68 4.17
C SER A 111 -14.40 4.86 3.14
N VAL A 112 -15.23 3.84 2.95
CA VAL A 112 -16.30 3.95 1.96
C VAL A 112 -17.60 4.34 2.65
N ASN A 113 -18.53 4.91 1.87
CA ASN A 113 -19.81 5.26 2.43
C ASN A 113 -20.42 3.99 3.00
N PRO A 114 -20.85 4.03 4.27
CA PRO A 114 -21.45 2.83 4.89
C PRO A 114 -22.92 2.70 4.54
N ASN A 115 -23.24 2.58 3.25
CA ASN A 115 -24.62 2.52 2.82
C ASN A 115 -24.98 1.37 1.88
N LYS A 116 -23.99 0.55 1.51
CA LYS A 116 -24.20 -0.59 0.62
C LYS A 116 -22.90 -1.40 0.47
N GLU A 117 -22.97 -2.54 -0.21
CA GLU A 117 -21.79 -3.40 -0.39
C GLU A 117 -20.68 -2.72 -1.17
N LEU A 118 -19.44 -3.10 -0.90
CA LEU A 118 -18.29 -2.54 -1.60
C LEU A 118 -18.28 -2.97 -3.06
N HIS A 119 -17.75 -2.12 -3.93
CA HIS A 119 -17.66 -2.42 -5.36
C HIS A 119 -16.19 -2.44 -5.80
N VAL A 120 -15.95 -2.91 -7.02
CA VAL A 120 -14.58 -3.03 -7.54
C VAL A 120 -13.70 -1.81 -7.36
N GLY A 121 -14.29 -0.62 -7.45
CA GLY A 121 -13.50 0.60 -7.28
C GLY A 121 -12.83 0.65 -5.92
N HIS A 122 -13.47 0.04 -4.94
CA HIS A 122 -12.96 0.01 -3.57
C HIS A 122 -11.86 -1.04 -3.38
N LEU A 123 -11.75 -1.97 -4.32
CA LEU A 123 -10.76 -3.03 -4.25
C LEU A 123 -9.33 -2.52 -4.24
N ARG A 124 -8.99 -1.72 -5.24
CA ARG A 124 -7.65 -1.18 -5.33
C ARG A 124 -7.28 -0.34 -4.10
N ASN A 125 -8.23 0.46 -3.62
CA ASN A 125 -8.02 1.31 -2.46
C ASN A 125 -7.53 0.46 -1.29
N ILE A 126 -8.31 -0.56 -0.97
CA ILE A 126 -7.98 -1.45 0.14
C ILE A 126 -6.66 -2.17 -0.07
N ALA A 127 -6.48 -2.76 -1.26
CA ALA A 127 -5.25 -3.49 -1.56
C ALA A 127 -4.00 -2.60 -1.47
N LEU A 128 -4.07 -1.42 -2.07
CA LEU A 128 -2.96 -0.47 -2.08
C LEU A 128 -2.64 0.04 -0.68
N GLY A 129 -3.69 0.43 0.05
CA GLY A 129 -3.52 0.96 1.39
C GLY A 129 -2.96 -0.05 2.38
N ASP A 130 -3.53 -1.26 2.38
CA ASP A 130 -3.07 -2.30 3.28
C ASP A 130 -1.61 -2.68 2.97
N ALA A 131 -1.30 -2.79 1.68
CA ALA A 131 0.05 -3.14 1.26
C ALA A 131 1.08 -2.11 1.70
N ILE A 132 0.82 -0.83 1.45
CA ILE A 132 1.79 0.18 1.86
C ILE A 132 1.91 0.24 3.37
N ALA A 133 0.81 -0.06 4.08
CA ALA A 133 0.85 -0.06 5.54
C ALA A 133 1.77 -1.18 6.03
N ARG A 134 1.61 -2.37 5.44
CA ARG A 134 2.44 -3.52 5.80
C ARG A 134 3.92 -3.28 5.47
N ILE A 135 4.16 -2.76 4.27
CA ILE A 135 5.51 -2.48 3.80
C ILE A 135 6.21 -1.47 4.72
N LEU A 136 5.53 -0.38 5.06
CA LEU A 136 6.11 0.64 5.95
C LEU A 136 6.47 0.07 7.32
N ALA A 137 5.59 -0.75 7.87
CA ALA A 137 5.83 -1.36 9.18
C ALA A 137 7.08 -2.23 9.12
N TYR A 138 7.18 -3.05 8.07
CA TYR A 138 8.32 -3.93 7.88
C TYR A 138 9.60 -3.10 7.76
N ALA A 139 9.50 -1.97 7.07
CA ALA A 139 10.63 -1.08 6.87
C ALA A 139 11.06 -0.33 8.12
N GLY A 140 10.38 -0.57 9.23
CA GLY A 140 10.75 0.07 10.48
C GLY A 140 9.86 1.17 11.02
N ARG A 141 8.86 1.60 10.26
CA ARG A 141 7.98 2.67 10.72
C ARG A 141 6.88 2.20 11.66
N GLU A 142 6.50 3.08 12.58
CA GLU A 142 5.43 2.80 13.53
C GLU A 142 4.17 3.20 12.75
N VAL A 143 3.39 2.20 12.36
CA VAL A 143 2.22 2.42 11.54
C VAL A 143 0.86 2.16 12.18
N LEU A 144 -0.11 3.01 11.83
CA LEU A 144 -1.47 2.86 12.32
C LEU A 144 -2.39 3.06 11.12
N VAL A 145 -3.38 2.17 10.99
CA VAL A 145 -4.32 2.22 9.89
C VAL A 145 -5.68 2.74 10.37
N LEU A 146 -6.15 3.80 9.75
CA LEU A 146 -7.43 4.39 10.12
C LEU A 146 -8.46 4.23 9.02
N ASN A 147 -9.69 3.92 9.41
CA ASN A 147 -10.79 3.77 8.46
C ASN A 147 -11.85 4.82 8.86
N TYR A 148 -12.08 5.81 7.99
CA TYR A 148 -13.02 6.89 8.26
C TYR A 148 -14.44 6.47 7.89
N ILE A 149 -15.37 6.59 8.84
CA ILE A 149 -16.76 6.21 8.62
C ILE A 149 -17.67 7.44 8.55
N ASP A 150 -18.15 7.76 7.35
CA ASP A 150 -19.03 8.91 7.17
C ASP A 150 -20.47 8.48 7.50
N ASP A 151 -20.77 8.37 8.79
CA ASP A 151 -22.08 7.92 9.21
C ASP A 151 -23.19 8.98 9.16
N THR A 152 -22.86 10.20 8.75
CA THR A 152 -23.86 11.27 8.68
C THR A 152 -24.04 11.72 7.23
N GLY A 153 -23.51 10.94 6.29
CA GLY A 153 -23.60 11.33 4.90
C GLY A 153 -24.94 11.10 4.22
N ARG A 154 -25.21 11.89 3.19
CA ARG A 154 -26.44 11.77 2.44
C ARG A 154 -26.59 10.36 1.87
N GLN A 155 -25.48 9.73 1.48
CA GLN A 155 -25.55 8.39 0.92
C GLN A 155 -26.12 7.40 1.93
N ALA A 156 -25.72 7.55 3.19
CA ALA A 156 -26.23 6.66 4.25
C ALA A 156 -27.69 7.02 4.52
N ALA A 157 -28.02 8.29 4.42
CA ALA A 157 -29.39 8.71 4.66
C ALA A 157 -30.31 8.12 3.58
N GLU A 158 -29.85 8.11 2.35
CA GLU A 158 -30.67 7.57 1.26
C GLU A 158 -30.98 6.11 1.44
N THR A 159 -30.02 5.30 1.87
CA THR A 159 -30.33 3.88 2.02
C THR A 159 -31.23 3.64 3.22
N LEU A 160 -30.97 4.33 4.32
CA LEU A 160 -31.82 4.16 5.50
C LEU A 160 -33.26 4.60 5.18
N PHE A 161 -33.39 5.65 4.38
CA PHE A 161 -34.71 6.12 3.99
C PHE A 161 -35.39 5.06 3.12
N ALA A 162 -34.65 4.55 2.13
CA ALA A 162 -35.17 3.53 1.23
C ALA A 162 -35.66 2.27 1.96
N LEU A 163 -34.90 1.81 2.94
CA LEU A 163 -35.27 0.64 3.70
C LEU A 163 -36.63 0.80 4.38
N ARG A 164 -36.89 2.00 4.89
CA ARG A 164 -38.16 2.29 5.56
C ARG A 164 -39.27 2.56 4.56
N HIS A 165 -38.99 3.47 3.63
CA HIS A 165 -39.96 3.88 2.61
C HIS A 165 -40.56 2.71 1.83
N TYR A 166 -39.73 1.73 1.48
CA TYR A 166 -40.21 0.58 0.73
C TYR A 166 -40.67 -0.54 1.66
N GLY A 167 -40.58 -0.29 2.96
CA GLY A 167 -41.00 -1.29 3.93
C GLY A 167 -40.31 -2.62 3.70
N LEU A 168 -38.98 -2.56 3.62
CA LEU A 168 -38.19 -3.76 3.40
C LEU A 168 -37.71 -4.34 4.72
N THR A 169 -37.78 -5.65 4.85
CA THR A 169 -37.35 -6.32 6.08
C THR A 169 -36.27 -7.34 5.75
N TRP A 170 -35.23 -7.35 6.56
CA TRP A 170 -34.11 -8.27 6.36
C TRP A 170 -34.54 -9.72 6.56
N ASP A 171 -34.21 -10.58 5.60
CA ASP A 171 -34.58 -11.99 5.69
C ASP A 171 -33.70 -12.78 6.64
N GLY A 172 -32.70 -12.14 7.22
CA GLY A 172 -31.82 -12.81 8.17
C GLY A 172 -30.74 -13.69 7.56
N LYS A 173 -30.72 -13.80 6.24
CA LYS A 173 -29.71 -14.62 5.57
C LYS A 173 -28.85 -13.85 4.57
N GLU A 174 -29.46 -12.96 3.80
CA GLU A 174 -28.73 -12.16 2.82
C GLU A 174 -27.68 -11.28 3.53
N LYS A 175 -26.48 -11.18 2.96
CA LYS A 175 -25.44 -10.35 3.55
C LYS A 175 -26.07 -8.97 3.71
N TYR A 176 -26.10 -8.46 4.94
CA TYR A 176 -26.77 -7.21 5.21
C TYR A 176 -26.50 -6.01 4.32
N ASP A 177 -25.25 -5.76 3.96
CA ASP A 177 -24.98 -4.60 3.12
C ASP A 177 -25.47 -4.78 1.70
N HIS A 178 -25.70 -6.02 1.28
CA HIS A 178 -26.24 -6.28 -0.05
C HIS A 178 -27.74 -5.96 0.00
N PHE A 179 -28.36 -6.28 1.13
CA PHE A 179 -29.77 -6.02 1.36
C PHE A 179 -29.96 -4.49 1.32
N ALA A 180 -29.07 -3.76 1.98
CA ALA A 180 -29.13 -2.29 2.00
C ALA A 180 -28.91 -1.74 0.60
N GLY A 181 -27.96 -2.32 -0.12
CA GLY A 181 -27.67 -1.86 -1.47
C GLY A 181 -28.85 -2.03 -2.41
N ARG A 182 -29.61 -3.09 -2.22
CA ARG A 182 -30.78 -3.33 -3.07
C ARG A 182 -31.78 -2.19 -2.85
N ALA A 183 -32.00 -1.83 -1.60
CA ALA A 183 -32.91 -0.74 -1.26
C ALA A 183 -32.39 0.55 -1.89
N TYR A 184 -31.09 0.80 -1.77
CA TYR A 184 -30.51 2.00 -2.34
C TYR A 184 -30.78 2.02 -3.84
N VAL A 185 -30.55 0.89 -4.50
CA VAL A 185 -30.77 0.80 -5.94
C VAL A 185 -32.23 1.01 -6.32
N ARG A 186 -33.17 0.49 -5.54
CA ARG A 186 -34.57 0.69 -5.88
C ARG A 186 -34.90 2.18 -5.80
N LEU A 187 -34.44 2.84 -4.74
CA LEU A 187 -34.68 4.27 -4.57
C LEU A 187 -34.25 5.08 -5.79
N HIS A 188 -33.05 4.82 -6.28
CA HIS A 188 -32.55 5.55 -7.45
C HIS A 188 -33.15 5.15 -8.80
N GLN A 189 -33.97 4.12 -8.80
CA GLN A 189 -34.62 3.69 -10.04
C GLN A 189 -36.07 4.13 -9.94
N ASP A 190 -36.45 4.63 -8.77
CA ASP A 190 -37.82 5.07 -8.54
C ASP A 190 -38.14 6.30 -9.39
N PRO A 191 -39.24 6.23 -10.16
CA PRO A 191 -39.69 7.33 -11.04
C PRO A 191 -39.87 8.65 -10.29
N GLU A 192 -40.26 8.57 -9.02
CA GLU A 192 -40.47 9.77 -8.23
C GLU A 192 -39.36 10.05 -7.22
N TYR A 193 -38.12 9.74 -7.61
CA TYR A 193 -36.96 9.97 -6.77
C TYR A 193 -36.84 11.45 -6.38
N GLU A 194 -37.03 12.35 -7.34
CA GLU A 194 -36.93 13.78 -7.05
C GLU A 194 -37.98 14.21 -6.03
N ARG A 195 -39.21 13.75 -6.22
CA ARG A 195 -40.30 14.10 -5.32
C ARG A 195 -40.03 13.62 -3.89
N LEU A 196 -39.13 12.66 -3.74
CA LEU A 196 -38.82 12.11 -2.42
C LEU A 196 -37.72 12.85 -1.64
N GLN A 197 -37.07 13.82 -2.27
CA GLN A 197 -36.00 14.55 -1.60
C GLN A 197 -36.37 15.12 -0.23
N PRO A 198 -37.55 15.75 -0.11
CA PRO A 198 -37.90 16.30 1.21
C PRO A 198 -37.91 15.21 2.30
N ALA A 199 -38.48 14.07 1.98
CA ALA A 199 -38.53 12.97 2.94
C ALA A 199 -37.12 12.48 3.27
N ILE A 200 -36.25 12.46 2.27
CA ILE A 200 -34.87 12.04 2.48
C ILE A 200 -34.15 13.03 3.40
N GLU A 201 -34.42 14.32 3.22
CA GLU A 201 -33.80 15.35 4.04
C GLU A 201 -34.15 15.16 5.51
N GLU A 202 -35.36 14.67 5.79
CA GLU A 202 -35.81 14.44 7.16
C GLU A 202 -34.97 13.36 7.82
N VAL A 203 -34.63 12.31 7.07
CA VAL A 203 -33.79 11.25 7.64
C VAL A 203 -32.37 11.78 7.78
N LEU A 204 -31.94 12.60 6.83
CA LEU A 204 -30.59 13.16 6.86
C LEU A 204 -30.41 13.98 8.14
N HIS A 205 -31.44 14.74 8.49
CA HIS A 205 -31.41 15.56 9.71
C HIS A 205 -31.24 14.67 10.94
N ALA A 206 -32.02 13.59 11.02
CA ALA A 206 -31.92 12.68 12.16
C ALA A 206 -30.56 11.99 12.14
N LEU A 207 -30.08 11.67 10.94
CA LEU A 207 -28.78 11.02 10.81
C LEU A 207 -27.71 11.97 11.33
N GLU A 208 -27.77 13.22 10.89
CA GLU A 208 -26.80 14.23 11.31
C GLU A 208 -26.81 14.47 12.82
N ARG A 209 -27.94 14.21 13.47
CA ARG A 209 -28.06 14.40 14.92
C ARG A 209 -27.47 13.19 15.66
N GLY A 210 -26.97 12.21 14.91
CA GLY A 210 -26.39 11.03 15.50
C GLY A 210 -27.41 10.04 16.05
N GLU A 211 -28.64 10.11 15.56
CA GLU A 211 -29.70 9.24 16.05
C GLU A 211 -29.91 7.93 15.28
N LEU A 212 -29.11 7.69 14.24
CA LEU A 212 -29.21 6.46 13.46
C LEU A 212 -27.88 5.73 13.37
N ARG A 213 -27.00 5.93 14.35
CA ARG A 213 -25.71 5.26 14.26
C ARG A 213 -25.80 3.73 14.24
N GLU A 214 -26.64 3.15 15.09
CA GLU A 214 -26.76 1.70 15.12
C GLU A 214 -27.20 1.15 13.78
N GLU A 215 -28.15 1.84 13.13
CA GLU A 215 -28.62 1.41 11.82
C GLU A 215 -27.46 1.41 10.82
N VAL A 216 -26.59 2.42 10.91
CA VAL A 216 -25.44 2.52 10.01
C VAL A 216 -24.44 1.43 10.34
N ASN A 217 -24.22 1.22 11.64
CA ASN A 217 -23.27 0.22 12.10
C ASN A 217 -23.58 -1.17 11.55
N ARG A 218 -24.87 -1.49 11.39
CA ARG A 218 -25.27 -2.80 10.87
C ARG A 218 -24.71 -3.00 9.47
N ILE A 219 -24.77 -1.95 8.66
CA ILE A 219 -24.26 -2.02 7.31
C ILE A 219 -22.74 -2.13 7.34
N LEU A 220 -22.10 -1.32 8.19
CA LEU A 220 -20.63 -1.33 8.31
C LEU A 220 -20.08 -2.71 8.73
N LEU A 221 -20.75 -3.38 9.65
CA LEU A 221 -20.29 -4.70 10.08
C LEU A 221 -20.23 -5.67 8.90
N ALA A 222 -21.22 -5.62 8.02
CA ALA A 222 -21.25 -6.49 6.84
C ALA A 222 -20.17 -6.08 5.83
N GLN A 223 -19.92 -4.78 5.70
CA GLN A 223 -18.90 -4.32 4.78
C GLN A 223 -17.56 -4.82 5.31
N MET A 224 -17.43 -4.83 6.63
CA MET A 224 -16.20 -5.25 7.28
C MET A 224 -15.86 -6.70 7.02
N ALA A 225 -16.88 -7.53 6.73
CA ALA A 225 -16.62 -8.94 6.45
C ALA A 225 -15.84 -9.02 5.13
N THR A 226 -16.15 -8.11 4.22
CA THR A 226 -15.48 -8.05 2.92
C THR A 226 -14.03 -7.55 3.12
N MET A 227 -13.86 -6.54 3.96
CA MET A 227 -12.54 -5.98 4.25
C MET A 227 -11.66 -7.09 4.81
N HIS A 228 -12.24 -7.86 5.73
CA HIS A 228 -11.54 -8.97 6.37
C HIS A 228 -11.16 -10.05 5.36
N ALA A 229 -12.06 -10.38 4.44
CA ALA A 229 -11.79 -11.39 3.43
C ALA A 229 -10.71 -10.93 2.46
N LEU A 230 -10.49 -9.61 2.39
CA LEU A 230 -9.46 -9.08 1.51
C LEU A 230 -8.12 -9.04 2.22
N ASN A 231 -8.12 -9.54 3.46
CA ASN A 231 -6.93 -9.59 4.30
C ASN A 231 -6.34 -8.21 4.61
N ALA A 232 -7.23 -7.24 4.82
CA ALA A 232 -6.84 -5.86 5.16
C ALA A 232 -6.83 -5.74 6.68
N ARG A 233 -5.97 -4.89 7.22
CA ARG A 233 -5.91 -4.71 8.68
C ARG A 233 -6.27 -3.28 9.09
N TYR A 234 -6.91 -3.13 10.25
CA TYR A 234 -7.29 -1.80 10.73
C TYR A 234 -7.04 -1.64 12.21
N ASP A 235 -6.57 -0.45 12.60
CA ASP A 235 -6.33 -0.17 14.01
C ASP A 235 -7.43 0.74 14.58
N LEU A 236 -7.81 1.75 13.80
CA LEU A 236 -8.80 2.72 14.26
C LEU A 236 -9.95 2.97 13.30
N LEU A 237 -11.09 3.31 13.89
CA LEU A 237 -12.29 3.67 13.16
C LEU A 237 -12.60 5.06 13.69
N VAL A 238 -12.89 6.00 12.80
CA VAL A 238 -13.27 7.34 13.22
C VAL A 238 -14.58 7.67 12.54
N TRP A 239 -15.60 7.96 13.33
CA TRP A 239 -16.92 8.28 12.83
C TRP A 239 -17.16 9.79 12.71
N GLU A 240 -17.77 10.20 11.60
CA GLU A 240 -18.07 11.61 11.37
C GLU A 240 -18.86 12.20 12.54
N SER A 241 -19.86 11.47 13.05
CA SER A 241 -20.65 11.98 14.18
C SER A 241 -19.79 12.24 15.42
N ASP A 242 -18.73 11.45 15.61
CA ASP A 242 -17.83 11.67 16.75
C ASP A 242 -16.95 12.88 16.45
N ILE A 243 -16.60 13.08 15.17
CA ILE A 243 -15.79 14.23 14.78
C ILE A 243 -16.58 15.52 15.07
N VAL A 244 -17.89 15.46 14.86
CA VAL A 244 -18.75 16.61 15.13
C VAL A 244 -18.82 16.89 16.64
N ARG A 245 -19.03 15.84 17.43
CA ARG A 245 -19.11 15.99 18.88
C ARG A 245 -17.79 16.53 19.46
N ALA A 246 -16.68 16.11 18.87
CA ALA A 246 -15.35 16.54 19.31
C ALA A 246 -15.10 18.00 18.98
N GLY A 247 -16.00 18.60 18.20
CA GLY A 247 -15.84 20.00 17.82
C GLY A 247 -14.56 20.32 17.05
N LEU A 248 -14.03 19.36 16.30
CA LEU A 248 -12.80 19.60 15.55
C LEU A 248 -12.93 20.74 14.55
N LEU A 249 -14.09 20.85 13.91
CA LEU A 249 -14.33 21.90 12.93
C LEU A 249 -14.13 23.30 13.51
N GLN A 250 -14.90 23.62 14.54
CA GLN A 250 -14.81 24.94 15.18
C GLN A 250 -13.40 25.23 15.71
N LYS A 251 -12.76 24.22 16.29
CA LYS A 251 -11.42 24.38 16.82
C LYS A 251 -10.44 24.70 15.69
N ALA A 252 -10.58 24.02 14.55
CA ALA A 252 -9.70 24.25 13.42
C ALA A 252 -9.95 25.65 12.89
N LEU A 253 -11.22 26.01 12.75
CA LEU A 253 -11.61 27.32 12.25
C LEU A 253 -11.05 28.43 13.15
N ALA A 254 -11.16 28.25 14.46
CA ALA A 254 -10.66 29.25 15.40
C ALA A 254 -9.14 29.37 15.30
N LEU A 255 -8.47 28.25 15.12
CA LEU A 255 -7.01 28.28 15.01
C LEU A 255 -6.60 28.98 13.71
N LEU A 256 -7.29 28.68 12.61
CA LEU A 256 -6.97 29.30 11.32
C LEU A 256 -7.24 30.80 11.26
N GLU A 257 -8.33 31.25 11.88
CA GLU A 257 -8.65 32.68 11.87
C GLU A 257 -7.62 33.53 12.58
N GLN A 258 -6.68 32.89 13.26
CA GLN A 258 -5.60 33.60 13.95
C GLN A 258 -4.59 34.08 12.91
N SER A 259 -4.61 33.45 11.75
CA SER A 259 -3.71 33.80 10.66
C SER A 259 -4.15 35.03 9.90
N PRO A 260 -3.21 35.91 9.55
CA PRO A 260 -3.55 37.11 8.81
C PRO A 260 -4.03 36.77 7.39
N HIS A 261 -3.72 35.56 6.95
CA HIS A 261 -4.13 35.11 5.62
C HIS A 261 -5.47 34.37 5.61
N VAL A 262 -6.16 34.39 6.75
CA VAL A 262 -7.48 33.77 6.88
C VAL A 262 -8.40 34.90 7.32
N PHE A 263 -9.28 35.33 6.42
CA PHE A 263 -10.14 36.45 6.71
C PHE A 263 -11.45 36.46 5.91
N ARG A 264 -12.34 37.37 6.26
CA ARG A 264 -13.63 37.50 5.58
C ARG A 264 -13.67 38.74 4.71
N PRO A 265 -13.64 38.57 3.39
CA PRO A 265 -13.68 39.76 2.52
C PRO A 265 -14.99 40.52 2.78
N ARG A 266 -14.88 41.82 3.04
CA ARG A 266 -16.07 42.64 3.30
C ARG A 266 -16.83 42.93 2.01
N GLU A 267 -16.16 42.70 0.88
CA GLU A 267 -16.75 42.93 -0.43
C GLU A 267 -16.13 42.00 -1.46
N GLY A 268 -16.73 41.95 -2.65
CA GLY A 268 -16.20 41.08 -3.69
C GLY A 268 -17.03 39.81 -3.80
N LYS A 269 -16.59 38.85 -4.61
CA LYS A 269 -17.33 37.61 -4.77
C LYS A 269 -17.11 36.62 -3.62
N TYR A 270 -16.54 37.11 -2.52
CA TYR A 270 -16.29 36.29 -1.35
C TYR A 270 -16.83 36.99 -0.10
N ALA A 271 -17.44 38.16 -0.29
CA ALA A 271 -17.99 38.94 0.81
C ALA A 271 -18.83 38.06 1.75
N GLY A 272 -18.52 38.15 3.04
CA GLY A 272 -19.25 37.37 4.03
C GLY A 272 -18.70 35.97 4.26
N ALA A 273 -17.93 35.47 3.30
CA ALA A 273 -17.35 34.13 3.39
C ALA A 273 -16.00 34.16 4.09
N LEU A 274 -15.65 33.07 4.78
CA LEU A 274 -14.36 32.99 5.46
C LEU A 274 -13.44 32.28 4.47
N VAL A 275 -12.35 32.92 4.11
CA VAL A 275 -11.45 32.34 3.14
C VAL A 275 -10.01 32.26 3.64
N MET A 276 -9.26 31.33 3.06
CA MET A 276 -7.85 31.12 3.39
C MET A 276 -7.02 31.47 2.16
N ASP A 277 -6.12 32.43 2.30
CA ASP A 277 -5.25 32.84 1.20
C ASP A 277 -4.01 31.94 1.23
N ALA A 278 -3.94 31.00 0.30
CA ALA A 278 -2.82 30.07 0.23
C ALA A 278 -1.62 30.58 -0.58
N SER A 279 -1.73 31.78 -1.16
CA SER A 279 -0.63 32.30 -1.98
C SER A 279 0.72 32.46 -1.27
N PRO A 280 0.72 32.85 0.02
CA PRO A 280 1.99 33.02 0.71
C PRO A 280 2.78 31.73 0.96
N VAL A 281 2.16 30.58 0.71
CA VAL A 281 2.85 29.31 0.91
C VAL A 281 2.84 28.48 -0.37
N ILE A 282 1.91 28.80 -1.26
CA ILE A 282 1.80 28.10 -2.54
C ILE A 282 1.83 29.09 -3.70
N PRO A 283 3.00 29.25 -4.33
CA PRO A 283 3.19 30.17 -5.45
C PRO A 283 2.46 29.74 -6.73
N GLY A 284 2.18 30.70 -7.59
CA GLY A 284 1.50 30.42 -8.84
C GLY A 284 0.12 29.81 -8.71
N LEU A 285 -0.89 30.66 -8.56
CA LEU A 285 -2.27 30.22 -8.44
C LEU A 285 -3.19 31.33 -8.94
N GLU A 286 -4.06 31.00 -9.90
CA GLU A 286 -4.99 31.99 -10.45
C GLU A 286 -5.78 32.60 -9.30
N ASP A 287 -6.37 31.73 -8.48
CA ASP A 287 -7.14 32.17 -7.31
C ASP A 287 -6.64 31.31 -6.15
N PRO A 288 -5.83 31.91 -5.26
CA PRO A 288 -5.27 31.23 -4.09
C PRO A 288 -6.19 31.21 -2.88
N PHE A 289 -7.48 31.45 -3.12
CA PHE A 289 -8.45 31.47 -2.03
C PHE A 289 -9.30 30.22 -1.88
N PHE A 290 -9.05 29.48 -0.80
CA PHE A 290 -9.83 28.29 -0.48
C PHE A 290 -10.94 28.78 0.46
N VAL A 291 -12.18 28.43 0.17
CA VAL A 291 -13.28 28.88 1.03
C VAL A 291 -13.42 27.89 2.19
N LEU A 292 -13.47 28.42 3.41
CA LEU A 292 -13.63 27.58 4.60
C LEU A 292 -15.10 27.62 4.99
N LEU A 293 -15.65 28.83 5.09
CA LEU A 293 -17.07 29.03 5.41
C LEU A 293 -17.72 29.87 4.32
N ARG A 294 -18.81 29.37 3.75
CA ARG A 294 -19.51 30.12 2.71
C ARG A 294 -20.21 31.27 3.43
N SER A 295 -20.63 32.29 2.68
CA SER A 295 -21.30 33.45 3.27
C SER A 295 -22.50 33.09 4.11
N ASN A 296 -23.21 32.03 3.74
CA ASN A 296 -24.40 31.61 4.49
C ASN A 296 -24.03 30.95 5.82
N GLY A 297 -22.74 30.76 6.06
CA GLY A 297 -22.30 30.16 7.31
C GLY A 297 -21.98 28.67 7.27
N THR A 298 -22.30 28.02 6.15
CA THR A 298 -22.06 26.59 5.99
C THR A 298 -20.57 26.24 5.79
N ALA A 299 -20.09 25.26 6.55
CA ALA A 299 -18.71 24.83 6.45
C ALA A 299 -18.48 24.07 5.17
N THR A 300 -17.28 24.22 4.62
CA THR A 300 -16.92 23.56 3.37
C THR A 300 -16.22 22.22 3.66
N TYR A 301 -16.13 21.37 2.65
CA TYR A 301 -15.46 20.07 2.80
C TYR A 301 -13.96 20.31 3.05
N TYR A 302 -13.46 21.41 2.51
CA TYR A 302 -12.05 21.77 2.68
C TYR A 302 -11.76 22.08 4.16
N ALA A 303 -12.65 22.83 4.80
CA ALA A 303 -12.47 23.17 6.20
C ALA A 303 -12.51 21.89 7.04
N LYS A 304 -13.44 21.00 6.72
CA LYS A 304 -13.55 19.74 7.46
C LYS A 304 -12.34 18.84 7.25
N ASP A 305 -11.78 18.84 6.04
CA ASP A 305 -10.59 18.02 5.77
C ASP A 305 -9.43 18.56 6.59
N ILE A 306 -9.33 19.89 6.68
CA ILE A 306 -8.27 20.51 7.46
C ILE A 306 -8.38 20.14 8.95
N ALA A 307 -9.59 20.25 9.49
CA ALA A 307 -9.85 19.93 10.90
C ALA A 307 -9.36 18.51 11.23
N PHE A 308 -9.79 17.55 10.43
CA PHE A 308 -9.44 16.15 10.60
C PHE A 308 -7.92 15.94 10.48
N GLN A 309 -7.31 16.58 9.49
CA GLN A 309 -5.86 16.48 9.31
C GLN A 309 -5.16 17.00 10.57
N PHE A 310 -5.67 18.08 11.14
CA PHE A 310 -5.08 18.66 12.35
C PHE A 310 -5.10 17.67 13.51
N TRP A 311 -6.20 16.93 13.64
CA TRP A 311 -6.32 15.95 14.71
C TRP A 311 -5.34 14.81 14.49
N LYS A 312 -5.25 14.35 13.25
CA LYS A 312 -4.34 13.25 12.90
C LYS A 312 -2.91 13.55 13.33
N MET A 313 -2.49 14.80 13.17
CA MET A 313 -1.14 15.19 13.53
C MET A 313 -1.00 15.78 14.94
N GLY A 314 -2.03 15.63 15.75
CA GLY A 314 -1.97 16.10 17.13
C GLY A 314 -2.13 17.59 17.38
N ILE A 315 -2.47 18.33 16.33
CA ILE A 315 -2.64 19.76 16.47
C ILE A 315 -3.94 20.04 17.22
N LEU A 316 -4.94 19.18 17.02
CA LEU A 316 -6.23 19.33 17.70
C LEU A 316 -6.61 18.05 18.44
N GLU A 317 -7.44 18.18 19.47
CA GLU A 317 -7.89 17.04 20.27
C GLU A 317 -9.41 17.06 20.41
N GLY A 318 -9.97 15.97 20.93
CA GLY A 318 -11.41 15.91 21.12
C GLY A 318 -12.00 14.53 20.94
N LEU A 319 -11.40 13.72 20.08
CA LEU A 319 -11.87 12.37 19.80
C LEU A 319 -11.53 11.40 20.94
N ARG A 320 -12.49 10.54 21.27
CA ARG A 320 -12.35 9.54 22.34
C ARG A 320 -12.56 8.15 21.74
N PHE A 321 -11.82 7.17 22.25
CA PHE A 321 -11.89 5.81 21.74
C PHE A 321 -12.17 4.70 22.76
N ARG A 322 -12.67 3.58 22.23
CA ARG A 322 -12.99 2.40 23.02
C ARG A 322 -12.93 1.19 22.08
N PRO A 323 -13.03 -0.03 22.62
CA PRO A 323 -12.98 -1.21 21.75
C PRO A 323 -14.20 -1.28 20.83
N TYR A 324 -13.98 -1.69 19.59
CA TYR A 324 -15.07 -1.80 18.63
C TYR A 324 -15.53 -3.24 18.57
N GLU A 325 -16.79 -3.48 18.93
CA GLU A 325 -17.35 -4.81 18.94
C GLU A 325 -17.51 -5.29 17.49
N ASN A 326 -16.80 -6.36 17.14
CA ASN A 326 -16.86 -6.92 15.80
C ASN A 326 -16.20 -8.30 15.84
N PRO A 327 -16.58 -9.20 14.92
CA PRO A 327 -15.99 -10.53 14.93
C PRO A 327 -14.74 -10.72 14.10
N TYR A 328 -14.21 -9.65 13.52
CA TYR A 328 -13.02 -9.79 12.68
C TYR A 328 -11.71 -9.29 13.26
N TYR A 329 -11.73 -8.15 13.92
CA TYR A 329 -10.52 -7.59 14.49
C TYR A 329 -10.60 -7.37 15.99
N PRO A 330 -9.96 -8.24 16.76
CA PRO A 330 -9.96 -8.16 18.23
C PRO A 330 -9.41 -6.84 18.78
N GLY A 331 -8.36 -6.31 18.14
CA GLY A 331 -7.77 -5.08 18.63
C GLY A 331 -8.24 -3.78 18.01
N LEU A 332 -9.27 -3.83 17.17
CA LEU A 332 -9.78 -2.62 16.53
C LEU A 332 -10.45 -1.67 17.53
N ARG A 333 -10.11 -0.38 17.46
CA ARG A 333 -10.70 0.63 18.34
C ARG A 333 -11.47 1.66 17.52
N THR A 334 -12.58 2.13 18.07
CA THR A 334 -13.42 3.10 17.38
C THR A 334 -13.62 4.37 18.18
N SER A 335 -13.84 5.48 17.48
CA SER A 335 -14.15 6.72 18.18
C SER A 335 -15.56 6.46 18.71
N ALA A 336 -15.92 7.12 19.79
CA ALA A 336 -17.25 6.94 20.39
C ALA A 336 -17.56 8.08 21.36
N PRO A 337 -18.83 8.18 21.80
CA PRO A 337 -19.18 9.25 22.73
C PRO A 337 -18.33 9.15 24.00
N GLU A 338 -18.11 7.93 24.44
CA GLU A 338 -17.34 7.68 25.66
C GLU A 338 -16.11 6.86 25.35
N GLY A 339 -15.01 7.18 26.04
CA GLY A 339 -13.78 6.44 25.83
C GLY A 339 -12.59 7.28 26.24
N GLU A 340 -11.40 6.78 25.95
CA GLU A 340 -10.17 7.48 26.29
C GLU A 340 -9.80 8.46 25.18
N ALA A 341 -9.53 9.71 25.58
CA ALA A 341 -9.16 10.76 24.65
C ALA A 341 -7.84 10.39 23.99
N TYR A 342 -7.77 10.53 22.67
CA TYR A 342 -6.56 10.15 21.95
C TYR A 342 -6.36 10.79 20.59
N THR A 343 -5.10 11.10 20.30
CA THR A 343 -4.66 11.65 19.03
C THR A 343 -3.44 10.83 18.65
N PRO A 344 -3.32 10.40 17.38
CA PRO A 344 -2.18 9.60 16.92
C PRO A 344 -0.88 10.39 16.91
N LYS A 345 -0.96 11.71 16.88
CA LYS A 345 0.23 12.56 16.82
C LYS A 345 1.10 12.10 15.65
N ALA A 346 0.49 11.89 14.49
CA ALA A 346 1.21 11.42 13.32
C ALA A 346 2.27 12.37 12.81
N GLU A 347 3.44 11.82 12.50
CA GLU A 347 4.56 12.59 11.95
C GLU A 347 4.31 12.68 10.45
N GLU A 348 3.58 11.70 9.93
CA GLU A 348 3.25 11.62 8.52
C GLU A 348 1.89 10.97 8.33
N THR A 349 1.15 11.41 7.32
CA THR A 349 -0.13 10.81 7.04
C THR A 349 -0.16 10.43 5.58
N ILE A 350 -0.91 9.38 5.28
CA ILE A 350 -1.06 8.92 3.92
C ILE A 350 -2.53 8.62 3.67
N ASN A 351 -3.11 9.34 2.72
CA ASN A 351 -4.51 9.13 2.38
C ASN A 351 -4.57 8.42 1.02
N VAL A 352 -5.16 7.22 1.01
CA VAL A 352 -5.29 6.47 -0.22
C VAL A 352 -6.61 6.92 -0.84
N VAL A 353 -6.53 7.57 -2.00
CA VAL A 353 -7.74 8.10 -2.61
C VAL A 353 -7.88 7.96 -4.12
N ASP A 354 -9.14 7.84 -4.55
CA ASP A 354 -9.50 7.74 -5.95
C ASP A 354 -9.03 9.06 -6.58
N VAL A 355 -8.39 8.98 -7.74
CA VAL A 355 -7.90 10.19 -8.41
C VAL A 355 -9.00 11.22 -8.67
N ARG A 356 -10.21 10.75 -8.98
CA ARG A 356 -11.33 11.66 -9.24
C ARG A 356 -11.84 12.29 -7.96
N GLN A 357 -12.49 11.49 -7.12
CA GLN A 357 -13.02 11.98 -5.85
C GLN A 357 -11.88 12.31 -4.90
N SER A 358 -11.11 13.34 -5.24
CA SER A 358 -9.97 13.75 -4.42
C SER A 358 -9.86 15.26 -4.27
N HIS A 359 -9.26 15.69 -3.16
CA HIS A 359 -9.05 17.11 -2.89
C HIS A 359 -7.57 17.43 -3.05
N PRO A 360 -7.24 18.64 -3.51
CA PRO A 360 -5.85 19.06 -3.71
C PRO A 360 -4.99 19.08 -2.44
N GLN A 361 -3.86 18.40 -2.49
CA GLN A 361 -2.94 18.34 -1.34
C GLN A 361 -2.56 19.75 -0.92
N ALA A 362 -2.63 20.66 -1.89
CA ALA A 362 -2.29 22.06 -1.65
C ALA A 362 -3.09 22.62 -0.47
N LEU A 363 -4.33 22.17 -0.34
CA LEU A 363 -5.22 22.61 0.73
C LEU A 363 -4.67 22.38 2.14
N VAL A 364 -4.50 21.11 2.52
CA VAL A 364 -4.00 20.82 3.86
C VAL A 364 -2.56 21.29 4.01
N ARG A 365 -1.80 21.18 2.92
CA ARG A 365 -0.41 21.61 2.94
C ARG A 365 -0.34 23.07 3.38
N ALA A 366 -1.08 23.92 2.66
CA ALA A 366 -1.12 25.35 2.96
C ALA A 366 -1.70 25.61 4.34
N ALA A 367 -2.72 24.84 4.70
CA ALA A 367 -3.36 25.01 6.01
C ALA A 367 -2.37 24.69 7.12
N LEU A 368 -1.63 23.60 6.97
CA LEU A 368 -0.65 23.23 7.97
C LEU A 368 0.45 24.31 8.08
N ALA A 369 0.87 24.86 6.95
CA ALA A 369 1.91 25.91 6.98
C ALA A 369 1.39 27.20 7.62
N LEU A 370 0.23 27.67 7.17
CA LEU A 370 -0.35 28.89 7.71
C LEU A 370 -0.63 28.80 9.20
N ALA A 371 -0.92 27.60 9.67
CA ALA A 371 -1.20 27.38 11.08
C ALA A 371 0.12 27.35 11.84
N GLY A 372 1.23 27.43 11.11
CA GLY A 372 2.53 27.41 11.75
C GLY A 372 3.18 26.04 11.87
N TYR A 373 2.89 25.15 10.93
CA TYR A 373 3.47 23.81 10.93
C TYR A 373 4.01 23.48 9.55
N PRO A 374 5.00 24.26 9.08
CA PRO A 374 5.61 24.06 7.76
C PRO A 374 6.25 22.68 7.59
N ALA A 375 6.82 22.14 8.65
CA ALA A 375 7.45 20.83 8.56
C ALA A 375 6.41 19.75 8.29
N LEU A 376 5.32 19.75 9.07
CA LEU A 376 4.27 18.74 8.88
C LEU A 376 3.58 18.87 7.53
N ALA A 377 3.58 20.08 6.98
CA ALA A 377 2.95 20.32 5.68
C ALA A 377 3.55 19.45 4.59
N GLU A 378 4.82 19.09 4.74
CA GLU A 378 5.50 18.27 3.75
C GLU A 378 5.30 16.78 4.05
N LYS A 379 4.60 16.47 5.13
CA LYS A 379 4.39 15.08 5.50
C LYS A 379 2.97 14.58 5.35
N ALA A 380 2.15 15.35 4.65
CA ALA A 380 0.76 14.95 4.41
C ALA A 380 0.70 14.40 3.00
N HIS A 381 0.80 13.08 2.87
CA HIS A 381 0.80 12.48 1.54
C HIS A 381 -0.52 11.93 1.04
N HIS A 382 -0.61 11.81 -0.27
CA HIS A 382 -1.77 11.27 -0.95
C HIS A 382 -1.28 10.14 -1.86
N LEU A 383 -2.05 9.07 -1.90
CA LEU A 383 -1.72 7.96 -2.76
C LEU A 383 -2.97 7.84 -3.63
N ALA A 384 -2.94 8.49 -4.79
CA ALA A 384 -4.07 8.48 -5.71
C ALA A 384 -3.96 7.32 -6.68
N TYR A 385 -5.11 6.69 -6.98
CA TYR A 385 -5.11 5.55 -7.89
C TYR A 385 -6.16 5.68 -8.98
N GLU A 386 -5.88 5.04 -10.11
CA GLU A 386 -6.80 5.05 -11.25
C GLU A 386 -7.91 4.01 -11.11
N THR A 387 -8.83 4.07 -12.06
CA THR A 387 -9.99 3.19 -12.11
C THR A 387 -9.63 1.73 -12.36
N VAL A 388 -10.52 0.84 -11.93
CA VAL A 388 -10.33 -0.58 -12.11
C VAL A 388 -11.53 -1.11 -12.90
N LEU A 389 -11.24 -1.75 -14.03
CA LEU A 389 -12.29 -2.32 -14.87
C LEU A 389 -12.42 -3.80 -14.56
N LEU A 390 -13.61 -4.36 -14.80
CA LEU A 390 -13.84 -5.78 -14.57
C LEU A 390 -14.17 -6.39 -15.94
N GLU A 391 -13.26 -7.19 -16.47
CA GLU A 391 -13.44 -7.81 -17.78
C GLU A 391 -13.62 -6.73 -18.84
N GLY A 392 -12.80 -5.69 -18.76
CA GLY A 392 -12.86 -4.58 -19.71
C GLY A 392 -14.09 -3.71 -19.57
N ARG A 393 -14.83 -3.88 -18.49
CA ARG A 393 -16.05 -3.12 -18.26
C ARG A 393 -15.92 -2.12 -17.11
N GLN A 394 -16.40 -0.90 -17.34
CA GLN A 394 -16.37 0.14 -16.31
C GLN A 394 -17.51 -0.14 -15.36
N MET A 395 -17.25 -0.07 -14.05
CA MET A 395 -18.28 -0.31 -13.05
C MET A 395 -18.92 0.99 -12.56
N SER A 396 -19.53 1.71 -13.50
CA SER A 396 -20.19 2.98 -13.18
C SER A 396 -21.48 3.09 -13.99
N GLY A 397 -22.15 1.95 -14.18
CA GLY A 397 -23.39 1.94 -14.93
C GLY A 397 -24.00 0.56 -15.01
N ALA A 402 -23.15 -2.77 -12.09
CA ALA A 402 -21.90 -2.91 -11.36
C ALA A 402 -21.82 -4.28 -10.68
N VAL A 403 -20.62 -4.64 -10.25
CA VAL A 403 -20.40 -5.91 -9.58
C VAL A 403 -19.73 -5.66 -8.23
N SER A 404 -20.28 -6.27 -7.18
CA SER A 404 -19.75 -6.11 -5.84
C SER A 404 -18.45 -6.88 -5.66
N VAL A 405 -17.66 -6.46 -4.67
CA VAL A 405 -16.40 -7.10 -4.37
C VAL A 405 -16.67 -8.52 -3.89
N ASP A 406 -17.75 -8.71 -3.16
CA ASP A 406 -18.08 -10.04 -2.67
C ASP A 406 -18.31 -11.02 -3.82
N GLU A 407 -18.85 -10.53 -4.93
CA GLU A 407 -19.10 -11.38 -6.08
C GLU A 407 -17.78 -11.69 -6.78
N VAL A 408 -16.91 -10.68 -6.92
CA VAL A 408 -15.62 -10.91 -7.56
C VAL A 408 -14.87 -11.95 -6.74
N LEU A 409 -14.96 -11.85 -5.41
CA LEU A 409 -14.30 -12.80 -4.53
C LEU A 409 -14.83 -14.22 -4.76
N GLU A 410 -16.16 -14.36 -4.77
CA GLU A 410 -16.75 -15.68 -4.94
C GLU A 410 -16.45 -16.29 -6.30
N GLU A 411 -16.54 -15.49 -7.36
CA GLU A 411 -16.28 -15.97 -8.70
C GLU A 411 -14.80 -16.34 -8.87
N ALA A 412 -13.90 -15.58 -8.26
CA ALA A 412 -12.47 -15.88 -8.34
C ALA A 412 -12.16 -17.13 -7.54
N THR A 413 -12.86 -17.30 -6.42
CA THR A 413 -12.67 -18.47 -5.57
C THR A 413 -13.22 -19.71 -6.27
N ARG A 414 -14.26 -19.49 -7.07
CA ARG A 414 -14.91 -20.55 -7.83
C ARG A 414 -13.90 -21.12 -8.82
N ARG A 415 -13.32 -20.23 -9.62
CA ARG A 415 -12.35 -20.63 -10.63
C ARG A 415 -11.08 -21.21 -10.00
N ALA A 416 -10.64 -20.65 -8.88
CA ALA A 416 -9.45 -21.15 -8.21
C ALA A 416 -9.69 -22.58 -7.76
N ARG A 417 -10.89 -22.83 -7.27
CA ARG A 417 -11.28 -24.16 -6.78
C ARG A 417 -11.11 -25.20 -7.89
N ALA A 418 -11.55 -24.87 -9.10
CA ALA A 418 -11.43 -25.78 -10.22
C ALA A 418 -9.97 -26.03 -10.57
N ILE A 419 -9.14 -25.01 -10.44
CA ILE A 419 -7.72 -25.12 -10.73
C ILE A 419 -7.02 -26.05 -9.75
N VAL A 420 -7.43 -25.98 -8.49
CA VAL A 420 -6.83 -26.82 -7.45
C VAL A 420 -7.27 -28.28 -7.57
N GLU A 421 -8.43 -28.50 -8.18
CA GLU A 421 -8.94 -29.85 -8.35
C GLU A 421 -8.17 -30.65 -9.39
N GLU A 422 -7.60 -29.97 -10.38
CA GLU A 422 -6.85 -30.65 -11.43
C GLU A 422 -5.35 -30.71 -11.18
N LYS A 423 -4.76 -29.59 -10.78
CA LYS A 423 -3.32 -29.54 -10.53
C LYS A 423 -2.90 -30.32 -9.30
N ASN A 424 -3.84 -30.60 -8.41
CA ASN A 424 -3.54 -31.33 -7.18
C ASN A 424 -4.81 -31.91 -6.59
N PRO A 425 -5.41 -32.91 -7.27
CA PRO A 425 -6.64 -33.58 -6.85
C PRO A 425 -6.57 -34.29 -5.50
N ASP A 426 -5.37 -34.41 -4.94
CA ASP A 426 -5.19 -35.09 -3.66
C ASP A 426 -4.83 -34.11 -2.55
N HIS A 427 -5.04 -32.82 -2.79
CA HIS A 427 -4.74 -31.80 -1.80
C HIS A 427 -5.67 -31.97 -0.60
N PRO A 428 -5.10 -31.97 0.62
CA PRO A 428 -5.94 -32.14 1.83
C PRO A 428 -7.13 -31.18 1.88
N ASP A 429 -6.88 -29.91 2.21
CA ASP A 429 -7.95 -28.92 2.27
C ASP A 429 -7.94 -28.08 0.98
N LYS A 430 -8.82 -28.44 0.05
CA LYS A 430 -8.92 -27.76 -1.23
C LYS A 430 -9.54 -26.37 -1.13
N GLU A 431 -10.50 -26.20 -0.23
CA GLU A 431 -11.17 -24.90 -0.08
C GLU A 431 -10.20 -23.83 0.40
N GLU A 432 -9.42 -24.15 1.43
CA GLU A 432 -8.45 -23.20 1.95
C GLU A 432 -7.44 -22.86 0.85
N ALA A 433 -7.08 -23.86 0.05
CA ALA A 433 -6.13 -23.66 -1.05
C ALA A 433 -6.72 -22.72 -2.09
N ALA A 434 -8.00 -22.91 -2.40
CA ALA A 434 -8.67 -22.08 -3.39
C ALA A 434 -8.78 -20.63 -2.88
N ARG A 435 -9.07 -20.47 -1.60
CA ARG A 435 -9.21 -19.14 -1.01
C ARG A 435 -7.90 -18.36 -1.14
N MET A 436 -6.79 -19.03 -0.83
CA MET A 436 -5.48 -18.40 -0.90
C MET A 436 -5.13 -17.97 -2.30
N VAL A 437 -5.42 -18.83 -3.28
CA VAL A 437 -5.12 -18.53 -4.67
C VAL A 437 -5.97 -17.36 -5.18
N ALA A 438 -7.26 -17.36 -4.86
CA ALA A 438 -8.15 -16.29 -5.30
C ALA A 438 -7.72 -14.96 -4.66
N LEU A 439 -7.41 -15.01 -3.37
CA LEU A 439 -6.98 -13.82 -2.63
C LEU A 439 -5.66 -13.29 -3.20
N GLY A 440 -4.76 -14.21 -3.53
CA GLY A 440 -3.47 -13.84 -4.09
C GLY A 440 -3.60 -13.22 -5.46
N ALA A 441 -4.52 -13.75 -6.26
CA ALA A 441 -4.75 -13.23 -7.60
C ALA A 441 -5.26 -11.79 -7.51
N ILE A 442 -6.23 -11.58 -6.62
CA ILE A 442 -6.83 -10.27 -6.42
C ILE A 442 -5.88 -9.25 -5.80
N ARG A 443 -5.28 -9.58 -4.66
CA ARG A 443 -4.36 -8.66 -4.01
C ARG A 443 -3.16 -8.31 -4.87
N PHE A 444 -2.64 -9.27 -5.62
CA PHE A 444 -1.49 -8.99 -6.48
C PHE A 444 -1.88 -8.13 -7.68
N SER A 445 -3.01 -8.44 -8.29
CA SER A 445 -3.48 -7.66 -9.44
C SER A 445 -3.69 -6.18 -9.06
N MET A 446 -4.34 -5.95 -7.93
CA MET A 446 -4.62 -4.60 -7.46
C MET A 446 -3.39 -3.74 -7.15
N VAL A 447 -2.24 -4.38 -6.96
CA VAL A 447 -1.05 -3.60 -6.61
C VAL A 447 0.17 -3.71 -7.52
N LYS A 448 0.17 -4.60 -8.50
CA LYS A 448 1.33 -4.71 -9.38
C LYS A 448 1.46 -3.56 -10.38
N THR A 449 0.35 -2.89 -10.67
CA THR A 449 0.32 -1.79 -11.64
C THR A 449 0.40 -0.42 -10.97
N GLU A 450 1.30 0.43 -11.47
CA GLU A 450 1.47 1.78 -10.94
C GLU A 450 0.08 2.39 -10.73
N PRO A 451 -0.14 3.03 -9.58
CA PRO A 451 -1.41 3.66 -9.20
C PRO A 451 -1.99 4.61 -10.27
N LYS A 452 -1.11 5.34 -10.95
CA LYS A 452 -1.52 6.29 -11.98
C LYS A 452 -2.07 5.61 -13.22
N LYS A 453 -1.82 4.31 -13.36
CA LYS A 453 -2.31 3.56 -14.51
C LYS A 453 -3.59 2.81 -14.16
N GLN A 454 -4.46 2.71 -15.16
CA GLN A 454 -5.74 2.02 -15.02
C GLN A 454 -5.53 0.50 -15.02
N ILE A 455 -6.39 -0.23 -14.32
CA ILE A 455 -6.29 -1.70 -14.27
C ILE A 455 -7.53 -2.36 -14.86
N ASP A 456 -7.35 -3.46 -15.57
CA ASP A 456 -8.48 -4.22 -16.11
C ASP A 456 -8.36 -5.61 -15.49
N PHE A 457 -9.18 -5.89 -14.50
CA PHE A 457 -9.14 -7.19 -13.83
C PHE A 457 -9.92 -8.26 -14.60
N ARG A 458 -9.20 -9.24 -15.14
CA ARG A 458 -9.85 -10.34 -15.87
C ARG A 458 -9.52 -11.62 -15.12
N TYR A 459 -10.55 -12.33 -14.68
CA TYR A 459 -10.38 -13.55 -13.90
C TYR A 459 -9.31 -14.54 -14.35
N GLN A 460 -9.48 -15.12 -15.53
CA GLN A 460 -8.53 -16.12 -16.04
C GLN A 460 -7.10 -15.61 -16.07
N GLU A 461 -6.92 -14.41 -16.62
CA GLU A 461 -5.61 -13.79 -16.72
C GLU A 461 -4.96 -13.61 -15.33
N ALA A 462 -5.74 -13.10 -14.37
CA ALA A 462 -5.24 -12.84 -13.02
C ALA A 462 -4.98 -14.11 -12.23
N LEU A 463 -5.76 -15.14 -12.51
CA LEU A 463 -5.62 -16.42 -11.81
C LEU A 463 -4.52 -17.34 -12.34
N SER A 464 -4.11 -17.15 -13.59
CA SER A 464 -3.10 -18.00 -14.23
C SER A 464 -1.78 -18.21 -13.50
N PHE A 465 -1.42 -19.48 -13.32
CA PHE A 465 -0.16 -19.83 -12.65
C PHE A 465 1.03 -19.57 -13.57
N GLU A 466 0.75 -19.22 -14.81
CA GLU A 466 1.82 -18.96 -15.78
C GLU A 466 2.11 -17.49 -16.10
N GLY A 467 1.19 -16.58 -15.82
CA GLY A 467 1.43 -15.17 -16.12
C GLY A 467 2.05 -14.38 -14.98
N ASP A 468 2.12 -13.05 -15.13
CA ASP A 468 2.67 -12.18 -14.09
C ASP A 468 1.52 -11.91 -13.12
N THR A 469 1.29 -12.90 -12.26
CA THR A 469 0.19 -12.88 -11.33
C THR A 469 0.60 -13.30 -9.92
N GLY A 470 -0.33 -13.16 -8.97
CA GLY A 470 -0.06 -13.57 -7.61
C GLY A 470 0.12 -15.08 -7.54
N PRO A 471 -0.76 -15.85 -8.19
CA PRO A 471 -0.62 -17.32 -8.16
C PRO A 471 0.74 -17.77 -8.70
N TYR A 472 1.28 -17.05 -9.69
CA TYR A 472 2.58 -17.36 -10.27
C TYR A 472 3.64 -17.31 -9.17
N VAL A 473 3.66 -16.22 -8.41
CA VAL A 473 4.62 -16.07 -7.33
C VAL A 473 4.35 -17.09 -6.24
N GLN A 474 3.08 -17.34 -5.94
CA GLN A 474 2.73 -18.32 -4.91
C GLN A 474 3.24 -19.71 -5.32
N TYR A 475 3.10 -20.05 -6.59
CA TYR A 475 3.55 -21.36 -7.08
C TYR A 475 5.07 -21.52 -6.94
N ALA A 476 5.81 -20.45 -7.22
CA ALA A 476 7.26 -20.50 -7.10
C ALA A 476 7.62 -20.76 -5.64
N HIS A 477 6.85 -20.17 -4.71
CA HIS A 477 7.09 -20.39 -3.30
C HIS A 477 6.80 -21.83 -2.91
N ALA A 478 5.68 -22.36 -3.39
CA ALA A 478 5.29 -23.73 -3.07
C ALA A 478 6.28 -24.75 -3.66
N ARG A 479 6.80 -24.46 -4.85
CA ARG A 479 7.77 -25.34 -5.49
C ARG A 479 9.05 -25.39 -4.66
N ALA A 480 9.55 -24.23 -4.26
CA ALA A 480 10.77 -24.16 -3.45
C ALA A 480 10.56 -24.86 -2.12
N HIS A 481 9.42 -24.62 -1.50
CA HIS A 481 9.09 -25.23 -0.21
C HIS A 481 8.98 -26.76 -0.30
N SER A 482 8.44 -27.27 -1.40
CA SER A 482 8.29 -28.71 -1.54
C SER A 482 9.66 -29.41 -1.53
N ILE A 483 10.67 -28.75 -2.09
CA ILE A 483 12.02 -29.29 -2.12
C ILE A 483 12.57 -29.42 -0.69
N LEU A 484 12.38 -28.38 0.11
CA LEU A 484 12.83 -28.36 1.49
C LEU A 484 12.11 -29.45 2.30
N ARG A 485 10.86 -29.68 1.94
CA ARG A 485 10.04 -30.68 2.63
C ARG A 485 10.66 -32.07 2.41
N LYS A 486 11.03 -32.35 1.17
CA LYS A 486 11.62 -33.64 0.81
C LYS A 486 13.06 -33.82 1.32
N ALA A 487 13.78 -32.73 1.48
CA ALA A 487 15.18 -32.79 1.92
C ALA A 487 15.37 -33.07 3.39
N GLY A 488 14.47 -32.56 4.22
CA GLY A 488 14.62 -32.75 5.66
C GLY A 488 15.72 -31.81 6.12
N GLU A 489 16.46 -32.20 7.16
CA GLU A 489 17.54 -31.37 7.67
C GLU A 489 18.80 -31.51 6.82
N TRP A 490 19.62 -30.48 6.81
CA TRP A 490 20.88 -30.51 6.07
C TRP A 490 21.93 -29.72 6.82
N GLY A 491 23.20 -29.94 6.48
CA GLY A 491 24.27 -29.26 7.17
C GLY A 491 24.82 -28.01 6.50
N ALA A 492 26.06 -27.67 6.87
CA ALA A 492 26.74 -26.50 6.37
C ALA A 492 26.94 -26.49 4.86
N PRO A 493 26.58 -25.36 4.22
CA PRO A 493 26.71 -25.18 2.78
C PRO A 493 28.18 -25.03 2.42
N ASP A 494 28.58 -25.55 1.26
CA ASP A 494 29.96 -25.40 0.83
C ASP A 494 29.94 -24.35 -0.26
N LEU A 495 30.13 -23.09 0.12
CA LEU A 495 30.10 -21.99 -0.81
C LEU A 495 31.07 -22.11 -1.98
N SER A 496 32.19 -22.80 -1.78
CA SER A 496 33.19 -22.94 -2.85
C SER A 496 32.70 -23.75 -4.06
N GLN A 497 31.66 -24.57 -3.87
CA GLN A 497 31.14 -25.38 -4.96
C GLN A 497 30.07 -24.66 -5.81
N ALA A 498 29.81 -23.40 -5.50
CA ALA A 498 28.80 -22.61 -6.22
C ALA A 498 29.10 -22.46 -7.72
N THR A 499 28.07 -22.58 -8.54
CA THR A 499 28.21 -22.42 -9.98
C THR A 499 27.58 -21.07 -10.35
N PRO A 500 27.73 -20.62 -11.61
CA PRO A 500 27.14 -19.34 -12.03
C PRO A 500 25.62 -19.30 -11.78
N TYR A 501 24.98 -20.47 -11.67
CA TYR A 501 23.54 -20.53 -11.42
C TYR A 501 23.24 -20.08 -10.00
N GLU A 502 24.04 -20.54 -9.04
CA GLU A 502 23.85 -20.16 -7.65
C GLU A 502 24.12 -18.66 -7.49
N ARG A 503 25.19 -18.20 -8.12
CA ARG A 503 25.59 -16.80 -8.03
C ARG A 503 24.52 -15.86 -8.59
N ALA A 504 24.04 -16.14 -9.79
CA ALA A 504 23.02 -15.32 -10.43
C ALA A 504 21.76 -15.24 -9.58
N LEU A 505 21.32 -16.37 -9.03
CA LEU A 505 20.11 -16.39 -8.21
C LEU A 505 20.33 -15.64 -6.89
N ALA A 506 21.48 -15.89 -6.25
CA ALA A 506 21.80 -15.22 -4.99
C ALA A 506 21.77 -13.71 -5.18
N LEU A 507 22.29 -13.24 -6.31
CA LEU A 507 22.32 -11.81 -6.61
C LEU A 507 20.91 -11.21 -6.69
N ASP A 508 19.98 -11.93 -7.29
CA ASP A 508 18.60 -11.40 -7.35
C ASP A 508 18.04 -11.31 -5.94
N LEU A 509 18.47 -12.22 -5.07
CA LEU A 509 18.02 -12.21 -3.69
C LEU A 509 18.55 -10.98 -2.93
N LEU A 510 19.68 -10.46 -3.35
CA LEU A 510 20.28 -9.30 -2.69
C LEU A 510 19.52 -8.01 -2.98
N ASP A 511 18.58 -8.05 -3.91
CA ASP A 511 17.80 -6.87 -4.28
C ASP A 511 16.48 -6.75 -3.53
N PHE A 512 16.15 -7.75 -2.73
CA PHE A 512 14.90 -7.75 -1.98
C PHE A 512 14.69 -6.57 -1.02
N GLU A 513 15.68 -6.34 -0.16
CA GLU A 513 15.56 -5.26 0.81
C GLU A 513 15.44 -3.89 0.15
N GLU A 514 16.13 -3.70 -0.97
CA GLU A 514 16.05 -2.41 -1.66
C GLU A 514 14.65 -2.22 -2.25
N ALA A 515 14.06 -3.30 -2.75
CA ALA A 515 12.72 -3.22 -3.31
C ALA A 515 11.74 -2.83 -2.21
N VAL A 516 11.94 -3.41 -1.02
CA VAL A 516 11.07 -3.09 0.10
C VAL A 516 11.21 -1.65 0.58
N LEU A 517 12.46 -1.20 0.74
CA LEU A 517 12.71 0.17 1.20
C LEU A 517 12.32 1.23 0.20
N GLU A 518 12.55 0.97 -1.09
CA GLU A 518 12.16 1.94 -2.10
C GLU A 518 10.65 2.05 -2.10
N ALA A 519 9.98 0.91 -2.04
CA ALA A 519 8.52 0.89 -2.03
C ALA A 519 7.99 1.66 -0.83
N ALA A 520 8.65 1.51 0.31
CA ALA A 520 8.24 2.20 1.52
C ALA A 520 8.49 3.70 1.43
N GLU A 521 9.69 4.08 1.00
CA GLU A 521 10.08 5.49 0.88
C GLU A 521 9.30 6.24 -0.20
N GLU A 522 9.00 5.57 -1.30
CA GLU A 522 8.26 6.20 -2.40
C GLU A 522 6.76 5.93 -2.34
N ARG A 523 6.36 5.07 -1.40
CA ARG A 523 4.95 4.73 -1.24
C ARG A 523 4.44 4.13 -2.54
N THR A 524 5.18 3.15 -3.04
CA THR A 524 4.84 2.48 -4.28
C THR A 524 4.97 0.97 -4.15
N PRO A 525 3.91 0.30 -3.69
CA PRO A 525 3.95 -1.14 -3.52
C PRO A 525 4.25 -1.89 -4.81
N HIS A 526 3.90 -1.31 -5.95
CA HIS A 526 4.14 -1.99 -7.23
C HIS A 526 5.62 -2.32 -7.45
N VAL A 527 6.51 -1.59 -6.79
CA VAL A 527 7.94 -1.86 -6.92
C VAL A 527 8.27 -3.20 -6.25
N LEU A 528 7.59 -3.50 -5.16
CA LEU A 528 7.82 -4.77 -4.47
C LEU A 528 7.17 -5.87 -5.29
N ALA A 529 5.98 -5.59 -5.79
CA ALA A 529 5.25 -6.56 -6.59
C ALA A 529 6.09 -6.96 -7.79
N GLN A 530 6.66 -5.98 -8.47
CA GLN A 530 7.48 -6.23 -9.64
C GLN A 530 8.73 -7.02 -9.25
N TYR A 531 9.33 -6.70 -8.11
CA TYR A 531 10.51 -7.44 -7.68
C TYR A 531 10.17 -8.92 -7.48
N LEU A 532 8.99 -9.19 -6.93
CA LEU A 532 8.58 -10.56 -6.68
C LEU A 532 8.38 -11.34 -7.98
N LEU A 533 7.89 -10.66 -9.01
CA LEU A 533 7.70 -11.31 -10.31
C LEU A 533 9.08 -11.67 -10.84
N ASP A 534 10.02 -10.73 -10.76
CA ASP A 534 11.37 -10.96 -11.24
C ASP A 534 12.07 -12.09 -10.47
N LEU A 535 11.88 -12.13 -9.15
CA LEU A 535 12.52 -13.16 -8.35
C LEU A 535 11.92 -14.53 -8.66
N ALA A 536 10.60 -14.57 -8.83
CA ALA A 536 9.93 -15.82 -9.14
C ALA A 536 10.39 -16.30 -10.51
N ALA A 537 10.62 -15.37 -11.44
CA ALA A 537 11.09 -15.71 -12.78
C ALA A 537 12.50 -16.26 -12.70
N SER A 538 13.32 -15.66 -11.85
CA SER A 538 14.70 -16.08 -11.65
C SER A 538 14.73 -17.48 -11.03
N TRP A 539 13.84 -17.71 -10.06
CA TRP A 539 13.76 -19.02 -9.42
C TRP A 539 13.35 -20.09 -10.44
N ASN A 540 12.35 -19.78 -11.26
CA ASN A 540 11.90 -20.73 -12.26
C ASN A 540 12.96 -21.09 -13.31
N ALA A 541 13.68 -20.08 -13.81
CA ALA A 541 14.72 -20.32 -14.80
C ALA A 541 15.82 -21.17 -14.14
N TYR A 542 16.10 -20.87 -12.89
CA TYR A 542 17.10 -21.60 -12.11
C TYR A 542 16.66 -23.06 -11.96
N TYR A 543 15.42 -23.27 -11.53
CA TYR A 543 14.89 -24.62 -11.33
C TYR A 543 14.81 -25.44 -12.64
N ASN A 544 14.37 -24.79 -13.71
CA ASN A 544 14.23 -25.44 -15.01
C ASN A 544 15.50 -25.66 -15.83
N ALA A 545 16.60 -25.01 -15.46
CA ALA A 545 17.84 -25.14 -16.21
C ALA A 545 18.26 -26.58 -16.47
N ARG A 546 18.70 -26.84 -17.71
CA ARG A 546 19.17 -28.15 -18.13
C ARG A 546 20.38 -27.99 -19.05
N GLU A 547 21.25 -28.99 -19.05
CA GLU A 547 22.45 -29.00 -19.89
C GLU A 547 22.91 -30.44 -20.09
N ASN A 548 23.35 -30.75 -21.30
CA ASN A 548 23.85 -32.08 -21.63
C ASN A 548 22.84 -33.17 -21.28
N GLY A 549 21.57 -32.92 -21.59
CA GLY A 549 20.53 -33.91 -21.32
C GLY A 549 20.18 -34.17 -19.87
N GLN A 550 20.50 -33.24 -18.97
CA GLN A 550 20.18 -33.44 -17.57
C GLN A 550 19.96 -32.14 -16.81
N PRO A 551 19.32 -32.20 -15.64
CA PRO A 551 19.08 -30.97 -14.88
C PRO A 551 20.44 -30.35 -14.58
N ALA A 552 20.56 -29.03 -14.73
CA ALA A 552 21.84 -28.39 -14.47
C ALA A 552 21.92 -27.86 -13.04
N THR A 553 20.78 -27.83 -12.34
CA THR A 553 20.79 -27.29 -10.99
C THR A 553 20.10 -28.17 -9.94
N PRO A 554 20.20 -29.52 -10.09
CA PRO A 554 19.54 -30.40 -9.12
C PRO A 554 20.01 -30.21 -7.68
N VAL A 555 19.08 -30.35 -6.75
CA VAL A 555 19.37 -30.18 -5.32
C VAL A 555 19.59 -31.52 -4.60
N LEU A 556 18.56 -32.35 -4.61
CA LEU A 556 18.61 -33.64 -3.92
C LEU A 556 19.64 -34.63 -4.47
N THR A 557 20.01 -34.49 -5.73
CA THR A 557 20.99 -35.37 -6.33
C THR A 557 22.37 -34.73 -6.43
N ALA A 558 22.51 -33.53 -5.87
CA ALA A 558 23.80 -32.85 -5.90
C ALA A 558 24.72 -33.48 -4.86
N PRO A 559 26.03 -33.47 -5.12
CA PRO A 559 27.01 -34.06 -4.19
C PRO A 559 27.14 -33.26 -2.90
N GLU A 560 27.71 -33.89 -1.88
CA GLU A 560 27.91 -33.26 -0.58
C GLU A 560 28.52 -31.87 -0.74
N GLY A 561 28.02 -30.93 0.04
CA GLY A 561 28.52 -29.56 -0.04
C GLY A 561 27.68 -28.72 -0.97
N LEU A 562 27.46 -29.22 -2.19
CA LEU A 562 26.65 -28.49 -3.16
C LEU A 562 25.17 -28.63 -2.79
N ARG A 563 24.79 -29.82 -2.33
CA ARG A 563 23.40 -30.08 -1.94
C ARG A 563 23.01 -29.10 -0.84
N GLU A 564 23.85 -28.99 0.18
CA GLU A 564 23.60 -28.09 1.29
C GLU A 564 23.53 -26.64 0.79
N LEU A 565 24.45 -26.25 -0.08
CA LEU A 565 24.45 -24.90 -0.61
C LEU A 565 23.13 -24.59 -1.33
N ARG A 566 22.69 -25.51 -2.19
CA ARG A 566 21.45 -25.29 -2.92
C ARG A 566 20.23 -25.29 -2.02
N LEU A 567 20.25 -26.11 -0.96
CA LEU A 567 19.12 -26.15 -0.04
C LEU A 567 19.00 -24.81 0.71
N SER A 568 20.14 -24.24 1.12
CA SER A 568 20.13 -22.95 1.83
C SER A 568 19.68 -21.84 0.89
N LEU A 569 20.07 -21.92 -0.38
CA LEU A 569 19.69 -20.92 -1.35
C LEU A 569 18.19 -21.04 -1.62
N VAL A 570 17.71 -22.28 -1.71
CA VAL A 570 16.30 -22.55 -1.94
C VAL A 570 15.49 -22.04 -0.76
N GLN A 571 16.03 -22.23 0.45
CA GLN A 571 15.37 -21.78 1.66
C GLN A 571 15.30 -20.26 1.69
N SER A 572 16.40 -19.60 1.36
CA SER A 572 16.42 -18.15 1.33
C SER A 572 15.39 -17.62 0.33
N LEU A 573 15.27 -18.28 -0.81
CA LEU A 573 14.30 -17.87 -1.83
C LEU A 573 12.86 -18.06 -1.35
N GLN A 574 12.56 -19.20 -0.73
CA GLN A 574 11.21 -19.46 -0.24
C GLN A 574 10.84 -18.46 0.86
N ARG A 575 11.78 -18.19 1.74
CA ARG A 575 11.54 -17.23 2.82
C ARG A 575 11.32 -15.83 2.25
N THR A 576 12.10 -15.46 1.24
CA THR A 576 11.97 -14.14 0.64
C THR A 576 10.63 -13.98 -0.08
N LEU A 577 10.19 -15.02 -0.77
CA LEU A 577 8.91 -14.94 -1.46
C LEU A 577 7.76 -14.93 -0.44
N ALA A 578 7.89 -15.71 0.62
CA ALA A 578 6.86 -15.77 1.66
C ALA A 578 6.71 -14.40 2.35
N THR A 579 7.84 -13.81 2.71
CA THR A 579 7.85 -12.51 3.36
C THR A 579 7.32 -11.43 2.42
N GLY A 580 7.84 -11.41 1.19
CA GLY A 580 7.39 -10.43 0.21
C GLY A 580 5.89 -10.52 -0.03
N LEU A 581 5.40 -11.74 -0.26
CA LEU A 581 3.98 -11.96 -0.51
C LEU A 581 3.13 -11.43 0.65
N ASP A 582 3.58 -11.70 1.87
CA ASP A 582 2.89 -11.25 3.07
C ASP A 582 2.74 -9.73 3.14
N LEU A 583 3.76 -9.01 2.67
CA LEU A 583 3.71 -7.56 2.71
C LEU A 583 2.68 -6.98 1.73
N LEU A 584 2.20 -7.83 0.82
CA LEU A 584 1.18 -7.42 -0.15
C LEU A 584 -0.13 -8.09 0.25
N GLY A 585 -0.16 -8.61 1.48
CA GLY A 585 -1.36 -9.27 1.99
C GLY A 585 -1.69 -10.59 1.32
N ILE A 586 -0.70 -11.21 0.69
CA ILE A 586 -0.91 -12.47 0.00
C ILE A 586 -0.36 -13.68 0.76
N PRO A 587 -1.20 -14.70 0.99
CA PRO A 587 -0.72 -15.89 1.70
C PRO A 587 0.21 -16.73 0.81
N ALA A 588 1.06 -17.55 1.43
CA ALA A 588 2.01 -18.36 0.69
C ALA A 588 1.76 -19.86 0.87
N PRO A 589 0.92 -20.46 0.02
CA PRO A 589 0.59 -21.88 0.06
C PRO A 589 1.84 -22.76 -0.03
N GLU A 590 1.95 -23.74 0.86
CA GLU A 590 3.10 -24.65 0.85
C GLU A 590 2.88 -25.74 -0.19
N VAL A 591 1.62 -26.16 -0.33
CA VAL A 591 1.27 -27.21 -1.28
C VAL A 591 0.35 -26.71 -2.39
N MET A 592 0.77 -26.89 -3.64
CA MET A 592 -0.02 -26.46 -4.79
C MET A 592 0.14 -27.43 -5.96
#